data_3HL5
#
_entry.id   3HL5
#
_cell.length_a   103.913
_cell.length_b   39.940
_cell.length_c   49.929
_cell.angle_alpha   90.00
_cell.angle_beta   100.00
_cell.angle_gamma   90.00
#
_symmetry.space_group_name_H-M   'C 1 2 1'
#
loop_
_entity.id
_entity.type
_entity.pdbx_description
1 polymer 'Baculoviral IAP repeat-containing protein 4'
2 non-polymer 'ZINC ION'
3 non-polymer (3S)-1-{(2S)-2-cyclohexyl-2-[(N-methyl-L-alanyl)amino]acetyl}-3-methyl-N-(2-pyrimidin-2-ylphenyl)-L-prolinamide
4 water water
#
_entity_poly.entity_id   1
_entity_poly.type   'polypeptide(L)'
_entity_poly.pdbx_seq_one_letter_code
;GSHMLPRNPSMADYEARIFTFGTWIYSVNKEQLARAGFYALGEGDKVKCFHCGGGLTDWKPSEDPWEQHAKWYPGCKYLL
EQKGQEYINNIHLTH
;
_entity_poly.pdbx_strand_id   A,B
#
# COMPACT_ATOMS: atom_id res chain seq x y z
N SER A 2 4.83 -7.30 1.47
CA SER A 2 3.63 -6.95 0.65
C SER A 2 2.92 -8.18 0.09
N HIS A 3 3.26 -9.36 0.61
CA HIS A 3 2.67 -10.62 0.12
C HIS A 3 1.23 -10.86 0.59
N MET A 4 0.49 -11.67 -0.17
CA MET A 4 -0.90 -12.02 0.12
C MET A 4 -1.03 -13.09 1.20
N LEU A 5 0.05 -13.82 1.45
CA LEU A 5 0.11 -14.84 2.48
C LEU A 5 0.58 -14.21 3.80
N PRO A 6 -0.25 -14.30 4.86
CA PRO A 6 0.16 -13.72 6.14
C PRO A 6 1.45 -14.35 6.69
N ARG A 7 2.24 -13.52 7.36
CA ARG A 7 3.51 -13.97 7.95
C ARG A 7 3.29 -14.85 9.19
N ASN A 8 2.23 -14.54 9.95
CA ASN A 8 1.94 -15.27 11.18
C ASN A 8 0.48 -15.78 11.27
N PRO A 9 0.20 -16.92 10.62
CA PRO A 9 -1.15 -17.53 10.67
C PRO A 9 -1.73 -17.75 12.08
N SER A 10 -0.88 -18.01 13.08
CA SER A 10 -1.33 -18.23 14.47
C SER A 10 -1.97 -16.96 15.08
N MET A 11 -1.67 -15.82 14.48
CA MET A 11 -2.24 -14.55 14.92
C MET A 11 -3.21 -13.95 13.89
N ALA A 12 -3.63 -14.76 12.92
CA ALA A 12 -4.60 -14.33 11.92
C ALA A 12 -5.98 -14.06 12.52
N ASP A 13 -6.36 -14.86 13.51
CA ASP A 13 -7.63 -14.74 14.22
C ASP A 13 -7.64 -13.46 15.06
N TYR A 14 -8.62 -12.59 14.82
CA TYR A 14 -8.81 -11.40 15.65
C TYR A 14 -8.83 -11.70 17.17
N GLU A 15 -9.44 -12.83 17.54
CA GLU A 15 -9.50 -13.23 18.95
C GLU A 15 -8.12 -13.56 19.51
N ALA A 16 -7.25 -14.14 18.68
CA ALA A 16 -5.89 -14.42 19.09
C ALA A 16 -5.11 -13.14 19.37
N ARG A 17 -5.39 -12.10 18.58
CA ARG A 17 -4.73 -10.80 18.74
C ARG A 17 -5.22 -10.03 19.97
N ILE A 18 -6.54 -9.96 20.16
CA ILE A 18 -7.11 -9.25 21.31
C ILE A 18 -6.65 -9.86 22.65
N PHE A 19 -6.46 -11.18 22.65
CA PHE A 19 -5.96 -11.90 23.82
C PHE A 19 -4.59 -11.39 24.29
N THR A 20 -3.72 -11.02 23.34
CA THR A 20 -2.38 -10.54 23.69
C THR A 20 -2.42 -9.20 24.42
N PHE A 21 -3.56 -8.51 24.33
CA PHE A 21 -3.74 -7.20 24.96
C PHE A 21 -4.49 -7.29 26.28
N GLY A 22 -4.63 -8.51 26.81
CA GLY A 22 -5.40 -8.75 28.03
C GLY A 22 -5.07 -7.84 29.20
N THR A 23 -3.81 -7.39 29.27
CA THR A 23 -3.35 -6.54 30.37
C THR A 23 -2.68 -5.23 29.88
N TRP A 24 -3.00 -4.85 28.66
CA TRP A 24 -2.49 -3.62 28.02
C TRP A 24 -2.77 -2.38 28.87
N ILE A 25 -1.72 -1.62 29.17
CA ILE A 25 -1.83 -0.41 30.00
C ILE A 25 -1.58 0.88 29.22
N TYR A 26 -1.24 0.75 27.94
CA TYR A 26 -0.85 1.90 27.13
C TYR A 26 -2.06 2.67 26.58
N SER A 27 -1.81 3.90 26.15
CA SER A 27 -2.90 4.81 25.76
C SER A 27 -3.68 4.35 24.53
N VAL A 28 -2.96 3.86 23.52
CA VAL A 28 -3.57 3.42 22.27
C VAL A 28 -4.52 2.25 22.53
N ASN A 29 -5.74 2.38 22.02
CA ASN A 29 -6.83 1.44 22.28
C ASN A 29 -6.54 0.03 21.76
N LYS A 30 -6.69 -0.95 22.64
CA LYS A 30 -6.35 -2.34 22.31
C LYS A 30 -7.25 -2.95 21.23
N GLU A 31 -8.55 -2.64 21.29
CA GLU A 31 -9.49 -3.14 20.29
C GLU A 31 -9.15 -2.59 18.91
N GLN A 32 -8.84 -1.29 18.85
CA GLN A 32 -8.41 -0.66 17.60
C GLN A 32 -7.11 -1.27 17.05
N LEU A 33 -6.17 -1.55 17.96
CA LEU A 33 -4.92 -2.21 17.60
C LEU A 33 -5.17 -3.60 17.00
N ALA A 34 -5.94 -4.44 17.71
CA ALA A 34 -6.28 -5.78 17.22
C ALA A 34 -7.07 -5.75 15.90
N ARG A 35 -8.00 -4.81 15.78
CA ARG A 35 -8.78 -4.67 14.55
C ARG A 35 -7.88 -4.26 13.39
N ALA A 36 -6.82 -3.50 13.70
CA ALA A 36 -5.89 -3.03 12.68
C ALA A 36 -4.84 -4.08 12.31
N GLY A 37 -4.98 -5.27 12.87
CA GLY A 37 -4.09 -6.41 12.54
C GLY A 37 -2.94 -6.65 13.50
N PHE A 38 -2.84 -5.82 14.54
CA PHE A 38 -1.69 -5.89 15.46
C PHE A 38 -1.92 -6.80 16.66
N TYR A 39 -0.84 -7.44 17.11
CA TYR A 39 -0.80 -8.13 18.39
C TYR A 39 0.39 -7.65 19.24
N ALA A 40 0.22 -7.69 20.55
CA ALA A 40 1.25 -7.24 21.48
C ALA A 40 2.37 -8.29 21.62
N LEU A 41 3.60 -7.83 21.64
CA LEU A 41 4.75 -8.73 21.77
C LEU A 41 5.13 -8.99 23.23
N GLY A 42 4.55 -8.24 24.15
CA GLY A 42 4.87 -8.37 25.58
C GLY A 42 6.19 -7.73 25.96
N GLU A 43 6.55 -6.66 25.24
CA GLU A 43 7.76 -5.91 25.51
C GLU A 43 7.46 -4.44 25.28
N GLY A 44 7.20 -3.72 26.38
CA GLY A 44 6.70 -2.36 26.29
C GLY A 44 5.45 -2.30 25.44
N ASP A 45 5.34 -1.25 24.62
CA ASP A 45 4.18 -1.09 23.74
C ASP A 45 4.42 -1.63 22.33
N LYS A 46 5.41 -2.51 22.16
CA LYS A 46 5.73 -3.09 20.86
C LYS A 46 4.60 -3.97 20.35
N VAL A 47 4.19 -3.74 19.10
CA VAL A 47 3.17 -4.54 18.45
C VAL A 47 3.66 -5.00 17.09
N LYS A 48 3.00 -5.99 16.52
CA LYS A 48 3.39 -6.53 15.24
C LYS A 48 2.13 -6.93 14.48
N CYS A 49 2.13 -6.70 13.17
CA CYS A 49 1.02 -7.14 12.33
C CYS A 49 1.18 -8.61 11.97
N PHE A 50 0.10 -9.37 12.08
CA PHE A 50 0.14 -10.80 11.78
C PHE A 50 0.36 -11.05 10.30
N HIS A 51 -0.04 -10.08 9.48
CA HIS A 51 -0.06 -10.26 8.04
C HIS A 51 1.25 -9.83 7.38
N CYS A 52 1.57 -8.53 7.43
CA CYS A 52 2.81 -8.02 6.82
C CYS A 52 4.07 -8.22 7.67
N GLY A 53 3.89 -8.55 8.95
CA GLY A 53 5.02 -8.75 9.87
C GLY A 53 5.64 -7.46 10.36
N GLY A 54 5.01 -6.33 10.02
CA GLY A 54 5.53 -5.02 10.38
C GLY A 54 5.33 -4.69 11.84
N GLY A 55 6.40 -4.27 12.50
CA GLY A 55 6.35 -3.90 13.92
C GLY A 55 6.27 -2.40 14.11
N LEU A 56 5.63 -1.99 15.21
CA LEU A 56 5.58 -0.58 15.60
C LEU A 56 5.70 -0.45 17.11
N THR A 57 6.43 0.58 17.53
CA THR A 57 6.64 0.86 18.95
C THR A 57 6.55 2.35 19.20
N ASP A 58 6.58 2.75 20.47
CA ASP A 58 6.59 4.16 20.86
C ASP A 58 5.34 4.88 20.34
N TRP A 59 4.19 4.32 20.68
CA TRP A 59 2.89 4.91 20.35
C TRP A 59 2.66 6.21 21.10
N LYS A 60 2.19 7.22 20.38
CA LYS A 60 1.93 8.54 20.95
C LYS A 60 0.46 8.73 21.28
N PRO A 61 0.13 9.69 22.17
CA PRO A 61 -1.27 9.93 22.53
C PRO A 61 -2.12 10.34 21.33
N SER A 62 -3.35 9.81 21.28
CA SER A 62 -4.32 10.10 20.22
C SER A 62 -3.99 9.50 18.84
N GLU A 63 -2.96 8.66 18.78
CA GLU A 63 -2.58 7.99 17.53
C GLU A 63 -3.53 6.88 17.14
N ASP A 64 -3.77 6.76 15.85
CA ASP A 64 -4.70 5.78 15.30
C ASP A 64 -3.94 4.61 14.69
N PRO A 65 -4.22 3.37 15.15
CA PRO A 65 -3.54 2.16 14.67
C PRO A 65 -3.57 1.98 13.15
N TRP A 66 -4.73 2.19 12.53
CA TRP A 66 -4.88 2.07 11.07
C TRP A 66 -4.02 3.09 10.31
N GLU A 67 -4.03 4.34 10.78
CA GLU A 67 -3.26 5.42 10.16
C GLU A 67 -1.77 5.09 10.20
N GLN A 68 -1.29 4.68 11.37
CA GLN A 68 0.12 4.32 11.56
C GLN A 68 0.49 3.08 10.74
N HIS A 69 -0.42 2.11 10.71
CA HIS A 69 -0.24 0.89 9.92
C HIS A 69 -0.04 1.27 8.46
N ALA A 70 -0.94 2.09 7.92
CA ALA A 70 -0.85 2.49 6.51
C ALA A 70 0.36 3.37 6.22
N LYS A 71 0.72 4.23 7.16
CA LYS A 71 1.86 5.14 7.01
C LYS A 71 3.16 4.37 6.81
N TRP A 72 3.40 3.38 7.67
CA TRP A 72 4.68 2.67 7.70
C TRP A 72 4.70 1.45 6.79
N TYR A 73 3.54 0.82 6.60
CA TYR A 73 3.44 -0.42 5.84
C TYR A 73 2.32 -0.40 4.79
N PRO A 74 2.40 0.56 3.83
CA PRO A 74 1.32 0.75 2.85
C PRO A 74 1.07 -0.48 1.97
N GLY A 75 2.04 -1.38 1.90
CA GLY A 75 1.92 -2.58 1.07
C GLY A 75 1.25 -3.75 1.75
N CYS A 76 0.88 -3.57 3.02
CA CYS A 76 0.25 -4.64 3.78
C CYS A 76 -1.09 -5.04 3.16
N LYS A 77 -1.23 -6.32 2.88
CA LYS A 77 -2.44 -6.78 2.20
C LYS A 77 -3.64 -6.95 3.12
N TYR A 78 -3.40 -7.07 4.43
CA TYR A 78 -4.53 -7.04 5.39
C TYR A 78 -5.16 -5.64 5.34
N LEU A 79 -4.31 -4.62 5.38
CA LEU A 79 -4.77 -3.25 5.24
C LEU A 79 -5.55 -3.04 3.94
N LEU A 80 -5.02 -3.54 2.82
CA LEU A 80 -5.69 -3.43 1.53
C LEU A 80 -7.06 -4.11 1.54
N GLU A 81 -7.12 -5.30 2.14
CA GLU A 81 -8.35 -6.08 2.19
C GLU A 81 -9.43 -5.44 3.06
N GLN A 82 -9.00 -4.82 4.15
CA GLN A 82 -9.91 -4.24 5.10
C GLN A 82 -10.32 -2.81 4.73
N LYS A 83 -9.32 -1.95 4.60
CA LYS A 83 -9.56 -0.52 4.35
C LYS A 83 -9.66 -0.14 2.88
N GLY A 84 -8.96 -0.88 2.02
CA GLY A 84 -8.95 -0.57 0.59
C GLY A 84 -7.87 0.43 0.20
N GLN A 85 -7.60 0.51 -1.09
CA GLN A 85 -6.49 1.34 -1.58
C GLN A 85 -6.68 2.83 -1.36
N GLU A 86 -7.92 3.31 -1.49
CA GLU A 86 -8.21 4.74 -1.36
C GLU A 86 -7.80 5.25 0.03
N TYR A 87 -8.05 4.45 1.06
CA TYR A 87 -7.59 4.77 2.41
C TYR A 87 -6.08 4.97 2.46
N ILE A 88 -5.34 4.03 1.86
CA ILE A 88 -3.89 4.09 1.80
C ILE A 88 -3.41 5.29 0.99
N ASN A 89 -4.00 5.48 -0.19
CA ASN A 89 -3.74 6.68 -1.01
C ASN A 89 -3.83 7.98 -0.21
N ASN A 90 -4.90 8.12 0.58
CA ASN A 90 -5.14 9.33 1.34
C ASN A 90 -4.10 9.59 2.42
N ILE A 91 -3.65 8.53 3.07
CA ILE A 91 -2.60 8.64 4.09
C ILE A 91 -1.29 9.12 3.46
N HIS A 92 -1.03 8.67 2.24
CA HIS A 92 0.20 9.02 1.54
C HIS A 92 0.05 10.17 0.55
N LEU A 93 -1.01 10.96 0.71
CA LEU A 93 -1.34 12.02 -0.24
C LEU A 93 -0.29 13.13 -0.30
N THR A 94 0.26 13.52 0.86
CA THR A 94 1.15 14.68 0.96
C THR A 94 2.55 14.44 0.37
N HIS A 95 2.92 13.17 0.20
CA HIS A 95 4.20 12.82 -0.43
C HIS A 95 4.01 11.81 -1.56
N LEU B 5 -14.05 5.92 -9.81
CA LEU B 5 -12.97 5.42 -10.71
C LEU B 5 -13.28 5.74 -12.18
N PRO B 6 -12.28 6.22 -12.95
CA PRO B 6 -10.90 6.50 -12.52
C PRO B 6 -10.79 7.69 -11.58
N ARG B 7 -9.83 7.65 -10.65
CA ARG B 7 -9.61 8.74 -9.69
C ARG B 7 -9.30 10.08 -10.37
N ASN B 8 -8.53 10.03 -11.45
CA ASN B 8 -8.20 11.21 -12.26
C ASN B 8 -8.52 11.04 -13.75
N PRO B 9 -9.77 11.36 -14.15
CA PRO B 9 -10.21 11.21 -15.54
C PRO B 9 -9.47 12.10 -16.54
N SER B 10 -8.88 13.20 -16.08
CA SER B 10 -8.08 14.07 -16.97
C SER B 10 -6.80 13.39 -17.44
N MET B 11 -6.44 12.30 -16.78
CA MET B 11 -5.24 11.54 -17.10
C MET B 11 -5.58 10.16 -17.70
N ALA B 12 -6.83 9.98 -18.13
CA ALA B 12 -7.26 8.70 -18.71
C ALA B 12 -6.59 8.42 -20.06
N ASP B 13 -6.29 9.47 -20.82
CA ASP B 13 -5.64 9.34 -22.12
C ASP B 13 -4.14 9.21 -21.99
N TYR B 14 -3.58 8.20 -22.64
CA TYR B 14 -2.13 7.96 -22.70
C TYR B 14 -1.34 9.22 -23.10
N GLU B 15 -1.82 9.93 -24.12
CA GLU B 15 -1.11 11.12 -24.62
C GLU B 15 -1.03 12.22 -23.56
N ALA B 16 -2.12 12.39 -22.79
CA ALA B 16 -2.14 13.34 -21.69
C ALA B 16 -1.14 12.99 -20.61
N ARG B 17 -1.01 11.70 -20.30
CA ARG B 17 -0.03 11.25 -19.30
C ARG B 17 1.39 11.53 -19.78
N ILE B 18 1.63 11.28 -21.07
CA ILE B 18 2.95 11.51 -21.67
C ILE B 18 3.40 12.96 -21.50
N PHE B 19 2.47 13.89 -21.71
CA PHE B 19 2.75 15.34 -21.56
C PHE B 19 3.24 15.75 -20.17
N THR B 20 2.85 15.01 -19.14
CA THR B 20 3.20 15.37 -17.75
C THR B 20 4.68 15.19 -17.44
N PHE B 21 5.32 14.27 -18.15
CA PHE B 21 6.69 13.90 -17.84
C PHE B 21 7.73 14.97 -18.20
N GLY B 22 7.57 15.58 -19.38
CA GLY B 22 8.52 16.58 -19.86
C GLY B 22 9.92 16.00 -19.98
N THR B 23 10.92 16.76 -19.53
CA THR B 23 12.31 16.29 -19.51
C THR B 23 12.47 15.28 -18.38
N TRP B 24 12.58 14.00 -18.73
CA TRP B 24 12.59 12.92 -17.75
C TRP B 24 14.01 12.39 -17.51
N ILE B 25 14.53 12.69 -16.32
CA ILE B 25 15.92 12.39 -15.98
C ILE B 25 16.01 11.21 -14.99
N TYR B 26 15.04 10.31 -15.07
CA TYR B 26 14.92 9.22 -14.08
C TYR B 26 14.99 7.82 -14.66
N SER B 27 15.01 6.82 -13.78
CA SER B 27 15.51 5.48 -14.08
C SER B 27 14.68 4.64 -15.06
N VAL B 28 13.39 4.92 -15.12
CA VAL B 28 12.45 4.23 -16.02
C VAL B 28 11.88 5.27 -16.97
N ASN B 29 11.94 5.00 -18.27
CA ASN B 29 11.51 6.01 -19.26
C ASN B 29 9.99 6.22 -19.29
N LYS B 30 9.59 7.42 -19.71
CA LYS B 30 8.21 7.88 -19.59
C LYS B 30 7.17 7.02 -20.29
N GLU B 31 7.52 6.46 -21.44
CA GLU B 31 6.59 5.65 -22.22
C GLU B 31 6.18 4.38 -21.47
N GLN B 32 7.16 3.70 -20.86
CA GLN B 32 6.87 2.52 -20.05
C GLN B 32 5.96 2.85 -18.87
N LEU B 33 6.23 3.98 -18.21
CA LEU B 33 5.41 4.40 -17.06
C LEU B 33 4.00 4.80 -17.51
N ALA B 34 3.91 5.60 -18.57
CA ALA B 34 2.62 6.07 -19.08
C ALA B 34 1.75 4.93 -19.59
N ARG B 35 2.35 3.96 -20.29
CA ARG B 35 1.60 2.79 -20.75
C ARG B 35 0.96 2.03 -19.60
N ALA B 36 1.65 2.01 -18.45
CA ALA B 36 1.16 1.32 -17.25
C ALA B 36 0.23 2.17 -16.38
N GLY B 37 -0.24 3.29 -16.93
CA GLY B 37 -1.26 4.11 -16.26
C GLY B 37 -0.74 5.29 -15.47
N PHE B 38 0.58 5.40 -15.35
CA PHE B 38 1.23 6.42 -14.53
C PHE B 38 1.46 7.76 -15.24
N TYR B 39 1.32 8.83 -14.48
CA TYR B 39 1.65 10.18 -14.95
C TYR B 39 2.52 10.86 -13.88
N ALA B 40 3.33 11.82 -14.32
CA ALA B 40 4.30 12.48 -13.45
C ALA B 40 3.73 13.63 -12.64
N LEU B 41 4.21 13.77 -11.41
CA LEU B 41 3.75 14.82 -10.50
C LEU B 41 4.67 16.03 -10.45
N GLY B 42 5.78 15.97 -11.19
CA GLY B 42 6.70 17.09 -11.30
C GLY B 42 7.58 17.29 -10.09
N GLU B 43 7.86 16.20 -9.39
CA GLU B 43 8.71 16.23 -8.21
C GLU B 43 9.53 14.95 -8.19
N GLY B 44 10.79 15.05 -8.63
CA GLY B 44 11.62 13.86 -8.80
C GLY B 44 10.94 12.89 -9.74
N ASP B 45 11.06 11.59 -9.43
CA ASP B 45 10.46 10.54 -10.26
C ASP B 45 9.06 10.11 -9.82
N LYS B 46 8.46 10.90 -8.93
CA LYS B 46 7.15 10.62 -8.36
C LYS B 46 6.08 10.50 -9.45
N VAL B 47 5.42 9.34 -9.50
CA VAL B 47 4.31 9.11 -10.42
C VAL B 47 3.07 8.58 -9.69
N LYS B 48 1.93 8.59 -10.39
CA LYS B 48 0.64 8.18 -9.84
C LYS B 48 -0.20 7.60 -10.97
N CYS B 49 -0.97 6.57 -10.67
CA CYS B 49 -1.88 6.00 -11.67
C CYS B 49 -3.20 6.77 -11.74
N PHE B 50 -3.65 7.06 -12.97
CA PHE B 50 -4.88 7.84 -13.19
C PHE B 50 -6.14 7.12 -12.72
N HIS B 51 -6.08 5.80 -12.62
CA HIS B 51 -7.29 5.02 -12.35
C HIS B 51 -7.44 4.70 -10.87
N CYS B 52 -6.45 4.01 -10.30
CA CYS B 52 -6.53 3.65 -8.88
C CYS B 52 -6.08 4.77 -7.93
N GLY B 53 -5.34 5.73 -8.45
CA GLY B 53 -4.82 6.85 -7.65
C GLY B 53 -3.56 6.52 -6.87
N GLY B 54 -3.01 5.32 -7.10
CA GLY B 54 -1.82 4.86 -6.40
C GLY B 54 -0.55 5.54 -6.87
N GLY B 55 0.19 6.10 -5.92
CA GLY B 55 1.48 6.74 -6.20
C GLY B 55 2.67 5.85 -5.94
N LEU B 56 3.74 6.04 -6.72
CA LEU B 56 5.00 5.34 -6.51
C LEU B 56 6.19 6.26 -6.80
N THR B 57 7.21 6.15 -5.96
CA THR B 57 8.41 6.97 -6.08
C THR B 57 9.67 6.13 -5.93
N ASP B 58 10.82 6.71 -6.30
CA ASP B 58 12.13 6.08 -6.11
C ASP B 58 12.22 4.74 -6.84
N TRP B 59 12.00 4.81 -8.14
CA TRP B 59 12.02 3.64 -9.02
C TRP B 59 13.44 3.24 -9.36
N LYS B 60 13.69 1.93 -9.41
CA LYS B 60 14.99 1.41 -9.80
C LYS B 60 14.96 1.03 -11.29
N PRO B 61 16.13 1.10 -11.97
CA PRO B 61 16.13 0.82 -13.41
C PRO B 61 15.75 -0.61 -13.81
N SER B 62 15.80 -1.53 -12.85
CA SER B 62 15.45 -2.94 -13.08
C SER B 62 13.95 -3.19 -12.98
N GLU B 63 13.21 -2.19 -12.52
CA GLU B 63 11.79 -2.39 -12.20
C GLU B 63 10.85 -2.16 -13.37
N ASP B 64 9.94 -3.11 -13.55
CA ASP B 64 8.91 -3.03 -14.58
C ASP B 64 7.68 -2.34 -14.00
N PRO B 65 7.23 -1.25 -14.64
CA PRO B 65 6.05 -0.52 -14.16
C PRO B 65 4.80 -1.38 -13.96
N TRP B 66 4.55 -2.33 -14.85
CA TRP B 66 3.38 -3.21 -14.71
C TRP B 66 3.50 -4.16 -13.50
N GLU B 67 4.70 -4.68 -13.26
CA GLU B 67 4.95 -5.57 -12.14
C GLU B 67 4.79 -4.84 -10.80
N GLN B 68 5.33 -3.62 -10.72
CA GLN B 68 5.16 -2.78 -9.54
C GLN B 68 3.70 -2.39 -9.32
N HIS B 69 3.01 -2.04 -10.41
CA HIS B 69 1.59 -1.68 -10.34
C HIS B 69 0.78 -2.82 -9.72
N ALA B 70 1.04 -4.04 -10.15
CA ALA B 70 0.32 -5.22 -9.66
C ALA B 70 0.73 -5.63 -8.25
N LYS B 71 2.01 -5.42 -7.93
CA LYS B 71 2.54 -5.73 -6.59
C LYS B 71 1.86 -4.88 -5.52
N TRP B 72 1.82 -3.57 -5.75
CA TRP B 72 1.31 -2.61 -4.77
C TRP B 72 -0.20 -2.43 -4.87
N TYR B 73 -0.72 -2.44 -6.10
CA TYR B 73 -2.10 -2.05 -6.33
C TYR B 73 -2.88 -3.06 -7.20
N PRO B 74 -3.03 -4.30 -6.69
CA PRO B 74 -3.63 -5.37 -7.50
C PRO B 74 -5.12 -5.18 -7.80
N GLY B 75 -5.76 -4.24 -7.12
CA GLY B 75 -7.18 -3.96 -7.32
C GLY B 75 -7.47 -2.91 -8.38
N CYS B 76 -6.40 -2.40 -9.02
CA CYS B 76 -6.56 -1.37 -10.04
C CYS B 76 -7.31 -1.90 -11.26
N LYS B 77 -8.29 -1.15 -11.71
CA LYS B 77 -9.15 -1.57 -12.82
C LYS B 77 -8.51 -1.30 -14.18
N TYR B 78 -7.61 -0.32 -14.25
CA TYR B 78 -6.81 -0.13 -15.46
C TYR B 78 -5.86 -1.33 -15.62
N LEU B 79 -5.24 -1.73 -14.52
CA LEU B 79 -4.41 -2.93 -14.48
C LEU B 79 -5.19 -4.18 -14.93
N LEU B 80 -6.40 -4.34 -14.38
CA LEU B 80 -7.26 -5.45 -14.75
C LEU B 80 -7.55 -5.49 -16.27
N GLU B 81 -7.94 -4.34 -16.82
CA GLU B 81 -8.28 -4.23 -18.24
C GLU B 81 -7.10 -4.56 -19.16
N GLN B 82 -5.92 -4.01 -18.84
CA GLN B 82 -4.74 -4.12 -19.69
C GLN B 82 -4.02 -5.45 -19.57
N LYS B 83 -3.97 -6.00 -18.36
CA LYS B 83 -3.17 -7.20 -18.10
C LYS B 83 -3.98 -8.46 -17.80
N GLY B 84 -5.17 -8.29 -17.22
CA GLY B 84 -6.04 -9.43 -16.93
C GLY B 84 -5.89 -9.99 -15.52
N GLN B 85 -6.91 -10.70 -15.06
CA GLN B 85 -6.95 -11.28 -13.71
C GLN B 85 -5.81 -12.28 -13.46
N GLU B 86 -5.49 -13.09 -14.46
CA GLU B 86 -4.46 -14.13 -14.31
C GLU B 86 -3.06 -13.57 -14.09
N TYR B 87 -2.74 -12.48 -14.79
CA TYR B 87 -1.46 -11.78 -14.61
C TYR B 87 -1.30 -11.28 -13.16
N ILE B 88 -2.33 -10.61 -12.65
CA ILE B 88 -2.34 -10.07 -11.30
C ILE B 88 -2.23 -11.17 -10.25
N ASN B 89 -3.08 -12.20 -10.39
CA ASN B 89 -3.11 -13.32 -9.45
C ASN B 89 -1.80 -14.12 -9.45
N ASN B 90 -1.24 -14.36 -10.64
CA ASN B 90 0.02 -15.09 -10.77
C ASN B 90 1.21 -14.40 -10.10
N ILE B 91 1.19 -13.07 -10.10
CA ILE B 91 2.19 -12.27 -9.36
C ILE B 91 2.07 -12.50 -7.86
N HIS B 92 0.83 -12.64 -7.39
CA HIS B 92 0.56 -12.77 -5.95
C HIS B 92 0.48 -14.21 -5.45
N LEU B 93 0.20 -15.14 -6.36
CA LEU B 93 0.25 -16.56 -6.04
C LEU B 93 1.63 -17.08 -6.44
N THR B 94 2.59 -16.95 -5.53
CA THR B 94 3.99 -17.30 -5.78
C THR B 94 4.22 -18.80 -6.02
#